data_4UAZ
#
_entry.id   4UAZ
#
_cell.length_a   50.835
_cell.length_b   79.921
_cell.length_c   55.420
_cell.angle_alpha   90.00
_cell.angle_beta   107.64
_cell.angle_gamma   90.00
#
_symmetry.space_group_name_H-M   'P 1 21 1'
#
loop_
_entity.id
_entity.type
_entity.pdbx_description
1 polymer "5'-D(*CP*CP*GP*AP*CP*AP*GP*CP*GP*CP*AP*TP*CP*AP*GP*C)-3'"
2 polymer "5'-D(*GP*CP*TP*GP*AP*TP*GP*CP*GP*CP*(8OG))-3'"
3 polymer "5'-D(P*GP*TP*CP*GP*G)-3'"
4 polymer 'DNA polymerase beta'
5 non-polymer 'MAGNESIUM ION'
6 non-polymer "8-OXO-2'-DEOXYGUANOSINE-5'-TRIPHOSPHATE"
7 non-polymer PYROPHOSPHATE
8 water water
#
loop_
_entity_poly.entity_id
_entity_poly.type
_entity_poly.pdbx_seq_one_letter_code
_entity_poly.pdbx_strand_id
1 'polydeoxyribonucleotide' (DC)(DC)(DG)(DA)(DC)(DA)(DG)(DC)(DG)(DC)(DA)(DT)(DC)(DA)(DG)(DC) T
2 'polydeoxyribonucleotide' (DG)(DC)(DT)(DG)(DA)(DT)(DG)(DC)(DG)(DC)(8OG) P
3 'polydeoxyribonucleotide' (DG)(DT)(DC)(DG)(DG) D
4 'polypeptide(L)'
;MSKRKAPQETLNGGITDMLTELANFEKNVSQAIHKYNAYRKAASVIAKYPHKIKSGAEAKKLPGVGTKIAEKIDEFLATG
KLRKLEKIRQDDTSSSINFLTRVSGIGPSAARKFVDEGIKTLEDLRKNEDKLNHHQRIGLKYFGDFEKRIPREEMLQMQD
IVLNEVKKVDSEYIATVCGSFRRGAESSGDMDVLLTHPSFTSESTKQPKLLHQVVEQLQKVHFITDTLSKGETKFMGVCQ
LPSKNDEKEYPHRRIDIRLIPKDQYYCGVLYFTGSDIFNKNMRAHALEKGFTINEYTIRPLGVTGVAGEPLPVDSEKDIF
DYIQWKYREPKDRSE
;
A
#
loop_
_chem_comp.id
_chem_comp.type
_chem_comp.name
_chem_comp.formula
8DG non-polymer 8-OXO-2'-DEOXYGUANOSINE-5'-TRIPHOSPHATE 'C10 H16 N5 O14 P3'
8OG DNA linking 8-OXO-2'-DEOXY-GUANOSINE-5'-MONOPHOSPHATE 'C10 H14 N5 O8 P'
DA DNA linking 2'-DEOXYADENOSINE-5'-MONOPHOSPHATE 'C10 H14 N5 O6 P'
DC DNA linking 2'-DEOXYCYTIDINE-5'-MONOPHOSPHATE 'C9 H14 N3 O7 P'
DG DNA linking 2'-DEOXYGUANOSINE-5'-MONOPHOSPHATE 'C10 H14 N5 O7 P'
DT DNA linking THYMIDINE-5'-MONOPHOSPHATE 'C10 H15 N2 O8 P'
MG non-polymer 'MAGNESIUM ION' 'Mg 2'
PPV non-polymer PYROPHOSPHATE 'H4 O7 P2'
#
# COMPACT_ATOMS: atom_id res chain seq x y z
P 8OG B 11 1.65 -0.22 1.54
OP1 8OG B 11 1.26 -0.57 0.12
OP2 8OG B 11 2.39 -1.29 2.20
O5' 8OG B 11 0.42 0.22 2.39
C5' 8OG B 11 0.62 0.64 3.74
C4' 8OG B 11 -0.72 1.16 4.26
O4' 8OG B 11 -1.01 2.52 3.85
C3' 8OG B 11 -1.91 0.35 3.79
O3' 8OG B 11 -2.13 -0.84 4.49
C2' 8OG B 11 -3.04 1.31 4.09
C1' 8OG B 11 -2.41 2.67 3.86
N9 8OG B 11 -2.82 3.35 2.62
C8 8OG B 11 -3.71 4.41 2.55
N7 8OG B 11 -3.91 4.74 1.26
C5 8OG B 11 -3.16 3.89 0.47
C6 8OG B 11 -2.96 3.72 -0.96
O6 8OG B 11 -3.52 4.46 -1.76
N1 8OG B 11 -2.13 2.72 -1.40
C2 8OG B 11 -1.49 1.89 -0.51
N2 8OG B 11 -0.68 0.93 -0.99
N3 8OG B 11 -1.68 2.03 0.85
C4 8OG B 11 -2.51 3.01 1.32
O8 8OG B 11 -4.22 4.97 3.51
N THR D 10 -11.18 -17.53 -2.15
CA THR D 10 -11.14 -17.23 -3.58
C THR D 10 -12.18 -18.04 -4.35
N LEU D 11 -13.42 -17.99 -3.87
CA LEU D 11 -14.54 -18.61 -4.55
C LEU D 11 -14.79 -17.96 -5.90
N ASN D 12 -14.43 -16.69 -6.00
CA ASN D 12 -14.70 -15.91 -7.20
C ASN D 12 -13.40 -15.35 -7.79
N GLY D 13 -12.35 -16.16 -7.72
CA GLY D 13 -11.01 -15.71 -8.10
C GLY D 13 -10.91 -15.24 -9.54
N GLY D 14 -11.59 -15.93 -10.45
CA GLY D 14 -11.58 -15.56 -11.85
C GLY D 14 -12.13 -14.15 -12.06
N ILE D 15 -13.30 -13.90 -11.49
CA ILE D 15 -13.92 -12.58 -11.55
C ILE D 15 -13.06 -11.48 -10.91
N THR D 16 -12.57 -11.71 -9.71
CA THR D 16 -11.77 -10.67 -9.04
C THR D 16 -10.46 -10.39 -9.78
N ASP D 17 -9.86 -11.43 -10.36
CA ASP D 17 -8.68 -11.22 -11.21
C ASP D 17 -9.01 -10.33 -12.42
N MET D 18 -10.13 -10.64 -13.06
CA MET D 18 -10.58 -9.86 -14.22
C MET D 18 -10.73 -8.39 -13.85
N LEU D 19 -11.41 -8.13 -12.75
CA LEU D 19 -11.67 -6.75 -12.33
C LEU D 19 -10.37 -6.03 -11.97
N THR D 20 -9.44 -6.73 -11.34
CA THR D 20 -8.17 -6.13 -10.98
C THR D 20 -7.36 -5.79 -12.22
N GLU D 21 -7.42 -6.65 -13.22
CA GLU D 21 -6.74 -6.39 -14.49
C GLU D 21 -7.34 -5.17 -15.19
N LEU D 22 -8.66 -5.05 -15.14
CA LEU D 22 -9.32 -3.87 -15.71
C LEU D 22 -8.96 -2.63 -14.91
N ALA D 23 -8.91 -2.75 -13.59
CA ALA D 23 -8.53 -1.64 -12.74
C ALA D 23 -7.15 -1.13 -13.15
N ASN D 24 -6.21 -2.04 -13.29
CA ASN D 24 -4.85 -1.67 -13.64
C ASN D 24 -4.76 -1.02 -15.00
N PHE D 25 -5.55 -1.50 -15.95
CA PHE D 25 -5.58 -0.91 -17.28
C PHE D 25 -6.04 0.55 -17.18
N GLU D 26 -7.10 0.79 -16.42
CA GLU D 26 -7.63 2.15 -16.30
C GLU D 26 -6.64 3.07 -15.62
N LYS D 27 -5.94 2.56 -14.60
CA LYS D 27 -4.96 3.37 -13.90
C LYS D 27 -3.73 3.65 -14.75
N ASN D 28 -3.16 2.60 -15.32
CA ASN D 28 -1.86 2.71 -15.97
C ASN D 28 -1.94 3.25 -17.39
N VAL D 29 -2.98 2.86 -18.13
CA VAL D 29 -3.07 3.18 -19.55
C VAL D 29 -4.04 4.34 -19.80
N SER D 30 -5.26 4.23 -19.28
CA SER D 30 -6.28 5.24 -19.48
C SER D 30 -6.06 6.46 -18.60
N GLN D 31 -5.37 6.24 -17.48
CA GLN D 31 -5.17 7.29 -16.49
C GLN D 31 -6.53 7.81 -16.06
N ALA D 32 -7.44 6.88 -15.78
CA ALA D 32 -8.77 7.23 -15.29
C ALA D 32 -8.92 6.70 -13.87
N ILE D 33 -8.48 7.50 -12.90
CA ILE D 33 -8.31 7.02 -11.54
C ILE D 33 -9.62 6.61 -10.88
N HIS D 34 -10.71 7.28 -11.23
CA HIS D 34 -11.98 6.91 -10.63
C HIS D 34 -12.46 5.56 -11.15
N LYS D 35 -12.19 5.28 -12.43
CA LYS D 35 -12.52 3.98 -12.97
C LYS D 35 -11.66 2.92 -12.29
N TYR D 36 -10.42 3.29 -11.98
CA TYR D 36 -9.52 2.37 -11.28
C TYR D 36 -10.09 2.04 -9.91
N ASN D 37 -10.47 3.07 -9.17
CA ASN D 37 -11.06 2.86 -7.85
C ASN D 37 -12.40 2.11 -7.92
N ALA D 38 -13.21 2.40 -8.95
CA ALA D 38 -14.47 1.68 -9.11
C ALA D 38 -14.22 0.19 -9.28
N TYR D 39 -13.28 -0.17 -10.14
CA TYR D 39 -12.99 -1.58 -10.36
C TYR D 39 -12.44 -2.25 -9.09
N ARG D 40 -11.52 -1.57 -8.41
N ARG D 40 -11.55 -1.57 -8.38
CA ARG D 40 -10.96 -2.07 -7.16
CA ARG D 40 -10.98 -2.17 -7.17
C ARG D 40 -12.06 -2.37 -6.16
C ARG D 40 -12.00 -2.33 -6.04
N LYS D 41 -12.97 -1.42 -5.97
CA LYS D 41 -14.06 -1.57 -5.01
C LYS D 41 -14.92 -2.78 -5.34
N ALA D 42 -15.28 -2.94 -6.62
CA ALA D 42 -16.06 -4.08 -7.06
C ALA D 42 -15.31 -5.39 -6.78
N ALA D 43 -14.02 -5.39 -7.10
CA ALA D 43 -13.20 -6.57 -6.85
C ALA D 43 -13.20 -6.93 -5.36
N SER D 44 -13.09 -5.92 -4.51
CA SER D 44 -12.99 -6.13 -3.08
C SER D 44 -14.31 -6.64 -2.50
N VAL D 45 -15.42 -6.04 -2.92
CA VAL D 45 -16.73 -6.46 -2.40
C VAL D 45 -17.05 -7.88 -2.85
N ILE D 46 -16.60 -8.25 -4.05
CA ILE D 46 -16.80 -9.60 -4.55
C ILE D 46 -15.87 -10.60 -3.87
N ALA D 47 -14.65 -10.15 -3.58
CA ALA D 47 -13.68 -11.01 -2.89
C ALA D 47 -14.24 -11.51 -1.55
N LYS D 48 -15.00 -10.67 -0.86
CA LYS D 48 -15.50 -11.04 0.46
C LYS D 48 -16.89 -11.67 0.42
N TYR D 49 -17.50 -11.71 -0.75
CA TYR D 49 -18.82 -12.35 -0.91
C TYR D 49 -18.68 -13.86 -0.72
N PRO D 50 -19.42 -14.42 0.26
CA PRO D 50 -19.21 -15.81 0.68
C PRO D 50 -19.89 -16.87 -0.18
N HIS D 51 -20.29 -16.52 -1.40
CA HIS D 51 -20.89 -17.48 -2.32
C HIS D 51 -20.18 -17.44 -3.66
N LYS D 52 -20.17 -18.58 -4.35
CA LYS D 52 -19.69 -18.64 -5.73
C LYS D 52 -20.72 -17.99 -6.64
N ILE D 53 -20.35 -16.86 -7.24
CA ILE D 53 -21.28 -16.08 -8.04
C ILE D 53 -21.77 -16.82 -9.29
N LYS D 54 -23.08 -16.90 -9.46
CA LYS D 54 -23.66 -17.62 -10.60
C LYS D 54 -24.07 -16.73 -11.76
N SER D 55 -24.14 -15.42 -11.52
CA SER D 55 -24.59 -14.50 -12.57
C SER D 55 -24.21 -13.04 -12.27
N GLY D 56 -24.21 -12.22 -13.31
CA GLY D 56 -24.01 -10.79 -13.16
C GLY D 56 -25.09 -10.18 -12.28
N ALA D 57 -26.33 -10.60 -12.51
CA ALA D 57 -27.46 -10.09 -11.74
C ALA D 57 -27.22 -10.29 -10.25
N GLU D 58 -26.70 -11.45 -9.88
CA GLU D 58 -26.37 -11.74 -8.49
C GLU D 58 -25.34 -10.75 -7.98
N ALA D 59 -24.31 -10.51 -8.78
CA ALA D 59 -23.23 -9.61 -8.40
C ALA D 59 -23.69 -8.17 -8.29
N LYS D 60 -24.63 -7.77 -9.14
CA LYS D 60 -25.09 -6.39 -9.17
C LYS D 60 -25.81 -6.01 -7.87
N LYS D 61 -26.26 -7.02 -7.13
CA LYS D 61 -26.88 -6.76 -5.84
C LYS D 61 -25.87 -6.16 -4.87
N LEU D 62 -24.58 -6.38 -5.14
CA LEU D 62 -23.53 -5.91 -4.26
C LEU D 62 -23.22 -4.45 -4.55
N PRO D 63 -22.95 -3.67 -3.50
CA PRO D 63 -22.62 -2.24 -3.64
C PRO D 63 -21.27 -2.06 -4.29
N GLY D 64 -21.22 -1.34 -5.40
CA GLY D 64 -19.98 -1.16 -6.12
C GLY D 64 -19.99 -1.90 -7.46
N VAL D 65 -20.90 -2.87 -7.57
CA VAL D 65 -21.09 -3.57 -8.83
C VAL D 65 -22.32 -3.02 -9.53
N GLY D 66 -22.11 -2.39 -10.68
CA GLY D 66 -23.22 -1.79 -11.41
C GLY D 66 -23.54 -2.56 -12.68
N THR D 67 -24.20 -1.89 -13.62
CA THR D 67 -24.61 -2.52 -14.88
C THR D 67 -23.44 -3.00 -15.72
N LYS D 68 -22.45 -2.13 -15.91
CA LYS D 68 -21.32 -2.44 -16.78
C LYS D 68 -20.54 -3.65 -16.26
N ILE D 69 -20.21 -3.63 -14.98
CA ILE D 69 -19.48 -4.75 -14.40
C ILE D 69 -20.32 -6.03 -14.39
N ALA D 70 -21.62 -5.88 -14.18
CA ALA D 70 -22.51 -7.03 -14.21
C ALA D 70 -22.47 -7.72 -15.59
N GLU D 71 -22.46 -6.93 -16.65
CA GLU D 71 -22.41 -7.48 -18.00
C GLU D 71 -21.11 -8.21 -18.24
N LYS D 72 -20.02 -7.65 -17.73
CA LYS D 72 -18.69 -8.24 -17.90
C LYS D 72 -18.62 -9.57 -17.16
N ILE D 73 -19.25 -9.61 -16.00
CA ILE D 73 -19.33 -10.83 -15.22
C ILE D 73 -20.12 -11.92 -15.97
N ASP D 74 -21.23 -11.53 -16.61
CA ASP D 74 -21.97 -12.47 -17.46
C ASP D 74 -21.11 -13.00 -18.60
N GLU D 75 -20.37 -12.12 -19.27
CA GLU D 75 -19.46 -12.55 -20.31
C GLU D 75 -18.39 -13.51 -19.77
N PHE D 76 -17.83 -13.18 -18.62
CA PHE D 76 -16.78 -14.01 -18.04
C PHE D 76 -17.29 -15.40 -17.66
N LEU D 77 -18.43 -15.44 -16.99
CA LEU D 77 -19.00 -16.71 -16.57
C LEU D 77 -19.33 -17.60 -17.77
N ALA D 78 -19.82 -16.98 -18.83
CA ALA D 78 -20.23 -17.71 -20.02
C ALA D 78 -19.05 -18.32 -20.77
N THR D 79 -17.97 -17.56 -20.90
CA THR D 79 -16.87 -17.93 -21.81
C THR D 79 -15.54 -18.19 -21.11
N GLY D 80 -15.39 -17.70 -19.89
CA GLY D 80 -14.16 -17.86 -19.15
C GLY D 80 -13.14 -16.78 -19.49
N LYS D 81 -13.58 -15.78 -20.25
CA LYS D 81 -12.69 -14.67 -20.58
C LYS D 81 -13.45 -13.38 -20.85
N LEU D 82 -12.71 -12.31 -21.08
CA LEU D 82 -13.31 -11.04 -21.43
C LEU D 82 -12.65 -10.51 -22.70
N ARG D 83 -13.45 -10.32 -23.74
CA ARG D 83 -12.94 -9.81 -25.01
C ARG D 83 -12.17 -8.50 -24.82
N LYS D 84 -12.74 -7.58 -24.04
CA LYS D 84 -12.09 -6.31 -23.78
C LYS D 84 -10.65 -6.51 -23.29
N LEU D 85 -10.46 -7.47 -22.40
CA LEU D 85 -9.13 -7.75 -21.86
C LEU D 85 -8.26 -8.50 -22.85
N GLU D 86 -8.87 -9.38 -23.63
CA GLU D 86 -8.14 -10.08 -24.68
C GLU D 86 -7.49 -9.08 -25.63
N LYS D 87 -8.23 -8.04 -25.98
CA LYS D 87 -7.72 -7.00 -26.86
C LYS D 87 -6.63 -6.17 -26.19
N ILE D 88 -6.87 -5.75 -24.95
CA ILE D 88 -5.88 -4.99 -24.20
C ILE D 88 -4.55 -5.76 -24.16
N ARG D 89 -4.62 -7.07 -23.95
CA ARG D 89 -3.43 -7.90 -23.91
C ARG D 89 -2.67 -7.91 -25.24
N GLN D 90 -3.41 -7.88 -26.34
CA GLN D 90 -2.81 -7.94 -27.67
C GLN D 90 -2.20 -6.60 -28.06
N ASP D 91 -2.68 -5.52 -27.44
CA ASP D 91 -2.20 -4.19 -27.76
C ASP D 91 -0.80 -3.96 -27.17
N ASP D 92 0.15 -3.64 -28.03
CA ASP D 92 1.55 -3.49 -27.62
C ASP D 92 1.80 -2.27 -26.74
N THR D 93 1.22 -1.13 -27.10
CA THR D 93 1.42 0.05 -26.28
C THR D 93 0.85 -0.14 -24.88
N SER D 94 -0.37 -0.66 -24.79
CA SER D 94 -0.99 -0.90 -23.49
C SER D 94 -0.18 -1.91 -22.68
N SER D 95 0.25 -2.98 -23.34
CA SER D 95 1.03 -4.02 -22.66
C SER D 95 2.37 -3.49 -22.17
N SER D 96 2.99 -2.61 -22.95
CA SER D 96 4.29 -2.06 -22.57
C SER D 96 4.13 -1.13 -21.39
N ILE D 97 3.12 -0.27 -21.45
CA ILE D 97 2.87 0.68 -20.39
C ILE D 97 2.58 -0.05 -19.08
N ASN D 98 1.73 -1.06 -19.15
CA ASN D 98 1.40 -1.83 -17.95
C ASN D 98 2.65 -2.45 -17.35
N PHE D 99 3.53 -2.97 -18.20
CA PHE D 99 4.74 -3.58 -17.69
C PHE D 99 5.66 -2.57 -16.99
N LEU D 100 5.96 -1.48 -17.68
CA LEU D 100 6.88 -0.48 -17.12
C LEU D 100 6.43 0.05 -15.76
N THR D 101 5.12 0.20 -15.55
CA THR D 101 4.61 0.68 -14.26
C THR D 101 4.86 -0.30 -13.11
N ARG D 102 5.27 -1.51 -13.43
CA ARG D 102 5.61 -2.48 -12.39
C ARG D 102 6.92 -2.12 -11.68
N VAL D 103 7.71 -1.26 -12.29
CA VAL D 103 8.93 -0.76 -11.66
C VAL D 103 8.57 0.34 -10.68
N SER D 104 9.05 0.24 -9.44
CA SER D 104 8.76 1.27 -8.47
C SER D 104 9.34 2.60 -8.91
N GLY D 105 8.55 3.66 -8.88
CA GLY D 105 9.00 4.95 -9.35
C GLY D 105 8.57 5.30 -10.76
N ILE D 106 8.21 4.27 -11.54
CA ILE D 106 7.62 4.50 -12.86
C ILE D 106 6.09 4.42 -12.77
N GLY D 107 5.42 5.56 -12.97
CA GLY D 107 3.97 5.58 -12.99
C GLY D 107 3.44 5.60 -14.41
N PRO D 108 2.13 5.85 -14.56
CA PRO D 108 1.46 5.91 -15.86
C PRO D 108 2.09 6.95 -16.79
N SER D 109 2.47 8.10 -16.26
CA SER D 109 3.04 9.16 -17.09
C SER D 109 4.44 8.80 -17.59
N ALA D 110 5.33 8.45 -16.68
CA ALA D 110 6.68 8.05 -17.05
C ALA D 110 6.63 6.85 -17.98
N ALA D 111 5.74 5.91 -17.72
CA ALA D 111 5.67 4.70 -18.55
C ALA D 111 5.33 5.05 -20.00
N ARG D 112 4.33 5.90 -20.18
CA ARG D 112 3.93 6.32 -21.52
C ARG D 112 5.06 7.11 -22.22
N LYS D 113 5.71 7.99 -21.46
CA LYS D 113 6.85 8.75 -21.99
C LYS D 113 7.97 7.83 -22.46
N PHE D 114 8.27 6.80 -21.68
CA PHE D 114 9.32 5.84 -22.02
C PHE D 114 8.96 5.07 -23.29
N VAL D 115 7.74 4.55 -23.33
CA VAL D 115 7.27 3.81 -24.50
C VAL D 115 7.38 4.68 -25.74
N ASP D 116 7.08 5.96 -25.60
CA ASP D 116 7.23 6.94 -26.67
C ASP D 116 8.67 6.97 -27.19
N GLU D 117 9.63 6.96 -26.28
CA GLU D 117 11.03 7.06 -26.65
C GLU D 117 11.58 5.71 -27.10
N GLY D 118 10.70 4.72 -27.21
CA GLY D 118 11.11 3.39 -27.62
C GLY D 118 11.70 2.54 -26.50
N ILE D 119 11.50 2.97 -25.27
CA ILE D 119 11.96 2.19 -24.12
C ILE D 119 10.78 1.42 -23.55
N LYS D 120 10.74 0.12 -23.79
CA LYS D 120 9.54 -0.63 -23.47
C LYS D 120 9.76 -2.02 -22.88
N THR D 121 11.01 -2.43 -22.71
CA THR D 121 11.28 -3.72 -22.11
C THR D 121 12.28 -3.60 -20.96
N LEU D 122 12.40 -4.66 -20.18
CA LEU D 122 13.37 -4.71 -19.10
C LEU D 122 14.79 -4.47 -19.62
N GLU D 123 15.11 -5.02 -20.78
CA GLU D 123 16.42 -4.81 -21.38
C GLU D 123 16.64 -3.34 -21.69
N ASP D 124 15.61 -2.69 -22.21
CA ASP D 124 15.68 -1.28 -22.56
C ASP D 124 16.00 -0.43 -21.36
N LEU D 125 15.24 -0.63 -20.28
CA LEU D 125 15.46 0.10 -19.06
C LEU D 125 16.90 -0.06 -18.61
N ARG D 126 17.38 -1.30 -18.68
CA ARG D 126 18.71 -1.63 -18.19
C ARG D 126 19.83 -0.93 -18.94
N LYS D 127 19.60 -0.63 -20.21
CA LYS D 127 20.63 0.05 -20.99
C LYS D 127 20.37 1.55 -21.11
N ASN D 128 19.29 2.02 -20.47
CA ASN D 128 18.99 3.45 -20.42
C ASN D 128 18.89 3.93 -18.98
N GLU D 129 19.73 3.38 -18.13
CA GLU D 129 19.70 3.70 -16.71
C GLU D 129 19.88 5.20 -16.46
N ASP D 130 20.58 5.87 -17.36
CA ASP D 130 20.85 7.29 -17.23
C ASP D 130 19.61 8.14 -17.47
N LYS D 131 18.54 7.50 -17.94
CA LYS D 131 17.29 8.20 -18.18
C LYS D 131 16.32 8.03 -17.00
N LEU D 132 16.79 7.33 -15.96
CA LEU D 132 15.97 7.10 -14.77
C LEU D 132 16.37 8.02 -13.62
N ASN D 133 15.39 8.46 -12.83
CA ASN D 133 15.71 9.17 -11.59
C ASN D 133 16.13 8.15 -10.53
N HIS D 134 16.49 8.62 -9.34
CA HIS D 134 17.06 7.74 -8.33
C HIS D 134 16.12 6.61 -7.90
N HIS D 135 14.88 6.98 -7.61
CA HIS D 135 13.86 6.02 -7.23
C HIS D 135 13.71 4.93 -8.29
N GLN D 136 13.55 5.35 -9.54
CA GLN D 136 13.38 4.43 -10.66
C GLN D 136 14.59 3.48 -10.83
N ARG D 137 15.77 4.03 -10.61
N ARG D 137 15.79 4.01 -10.64
CA ARG D 137 17.03 3.31 -10.70
CA ARG D 137 17.01 3.19 -10.76
C ARG D 137 17.05 2.14 -9.72
C ARG D 137 17.02 2.07 -9.72
N ILE D 138 16.64 2.40 -8.49
CA ILE D 138 16.58 1.41 -7.43
C ILE D 138 15.45 0.42 -7.70
N GLY D 139 14.31 0.93 -8.15
CA GLY D 139 13.20 0.04 -8.50
C GLY D 139 13.61 -0.95 -9.56
N LEU D 140 14.41 -0.50 -10.50
CA LEU D 140 14.85 -1.38 -11.59
C LEU D 140 15.83 -2.41 -11.04
N LYS D 141 16.76 -1.94 -10.22
CA LYS D 141 17.81 -2.76 -9.61
C LYS D 141 17.20 -3.98 -8.91
N TYR D 142 16.11 -3.75 -8.18
CA TYR D 142 15.51 -4.83 -7.42
C TYR D 142 14.17 -5.27 -7.99
N PHE D 143 13.99 -5.08 -9.30
CA PHE D 143 12.71 -5.42 -9.92
C PHE D 143 12.22 -6.81 -9.54
N GLY D 144 13.08 -7.80 -9.71
CA GLY D 144 12.71 -9.18 -9.40
C GLY D 144 12.37 -9.35 -7.93
N ASP D 145 13.25 -8.90 -7.05
CA ASP D 145 13.06 -9.07 -5.61
C ASP D 145 11.75 -8.46 -5.11
N PHE D 146 11.44 -7.25 -5.58
CA PHE D 146 10.24 -6.55 -5.12
C PHE D 146 8.95 -7.24 -5.61
N GLU D 147 9.10 -8.14 -6.59
CA GLU D 147 7.99 -8.97 -7.05
C GLU D 147 7.58 -10.02 -6.01
N LYS D 148 8.54 -10.43 -5.20
CA LYS D 148 8.34 -11.57 -4.31
C LYS D 148 7.63 -11.16 -3.03
N ARG D 149 6.79 -12.05 -2.50
CA ARG D 149 6.14 -11.83 -1.21
C ARG D 149 7.11 -12.19 -0.08
N ILE D 150 6.81 -11.73 1.13
CA ILE D 150 7.65 -11.98 2.29
C ILE D 150 6.91 -12.94 3.25
N PRO D 151 7.49 -14.12 3.51
CA PRO D 151 6.81 -15.07 4.41
C PRO D 151 6.71 -14.43 5.78
N ARG D 152 5.64 -14.70 6.51
CA ARG D 152 5.50 -14.10 7.83
C ARG D 152 6.71 -14.42 8.71
N GLU D 153 7.30 -15.61 8.52
CA GLU D 153 8.46 -16.00 9.31
C GLU D 153 9.61 -15.01 9.10
N GLU D 154 9.79 -14.54 7.87
CA GLU D 154 10.80 -13.52 7.60
C GLU D 154 10.38 -12.17 8.17
N MET D 155 9.09 -11.88 8.10
CA MET D 155 8.60 -10.62 8.68
C MET D 155 8.90 -10.55 10.17
N LEU D 156 8.81 -11.69 10.86
CA LEU D 156 9.09 -11.74 12.29
C LEU D 156 10.57 -11.48 12.58
N GLN D 157 11.45 -12.08 11.78
CA GLN D 157 12.87 -11.84 11.91
C GLN D 157 13.17 -10.36 11.70
N MET D 158 12.52 -9.77 10.69
CA MET D 158 12.72 -8.36 10.37
C MET D 158 12.24 -7.45 11.50
N GLN D 159 11.07 -7.76 12.05
CA GLN D 159 10.53 -7.03 13.21
C GLN D 159 11.55 -7.02 14.34
N ASP D 160 12.11 -8.19 14.64
N ASP D 160 12.11 -8.19 14.63
CA ASP D 160 13.07 -8.31 15.72
CA ASP D 160 13.08 -8.34 15.70
C ASP D 160 14.25 -7.36 15.51
C ASP D 160 14.25 -7.38 15.50
N ILE D 161 14.79 -7.36 14.30
CA ILE D 161 15.92 -6.48 13.99
C ILE D 161 15.56 -5.02 14.16
N VAL D 162 14.46 -4.60 13.54
CA VAL D 162 14.06 -3.19 13.62
C VAL D 162 13.77 -2.77 15.06
N LEU D 163 13.00 -3.57 15.79
CA LEU D 163 12.65 -3.19 17.16
C LEU D 163 13.87 -3.12 18.07
N ASN D 164 14.78 -4.09 17.93
CA ASN D 164 15.98 -4.08 18.75
C ASN D 164 16.92 -2.92 18.39
N GLU D 165 17.06 -2.64 17.10
CA GLU D 165 17.98 -1.57 16.70
C GLU D 165 17.44 -0.21 17.10
N VAL D 166 16.14 -0.04 16.98
CA VAL D 166 15.48 1.18 17.40
C VAL D 166 15.74 1.39 18.90
N LYS D 167 15.51 0.35 19.69
CA LYS D 167 15.73 0.41 21.12
C LYS D 167 17.17 0.81 21.45
N LYS D 168 18.12 0.38 20.62
CA LYS D 168 19.53 0.71 20.84
C LYS D 168 19.82 2.18 20.63
N VAL D 169 19.05 2.84 19.77
CA VAL D 169 19.23 4.27 19.54
C VAL D 169 18.67 5.07 20.70
N ASP D 170 17.44 4.77 21.08
CA ASP D 170 16.79 5.44 22.21
C ASP D 170 15.69 4.52 22.70
N SER D 171 15.77 4.10 23.96
CA SER D 171 14.81 3.18 24.52
C SER D 171 13.40 3.76 24.58
N GLU D 172 13.29 5.07 24.32
CA GLU D 172 11.98 5.73 24.37
C GLU D 172 11.20 5.64 23.05
N TYR D 173 11.88 5.21 21.98
CA TYR D 173 11.17 4.96 20.73
C TYR D 173 10.21 3.80 20.89
N ILE D 174 9.08 3.88 20.21
CA ILE D 174 8.24 2.72 20.01
C ILE D 174 8.11 2.50 18.50
N ALA D 175 8.48 1.32 18.04
CA ALA D 175 8.30 0.94 16.64
C ALA D 175 7.23 -0.13 16.55
N THR D 176 6.29 0.05 15.63
CA THR D 176 5.18 -0.87 15.48
C THR D 176 5.08 -1.29 14.04
N VAL D 177 5.15 -2.59 13.76
CA VAL D 177 4.98 -3.07 12.39
C VAL D 177 3.50 -3.13 12.03
N CYS D 178 3.14 -2.43 10.96
CA CYS D 178 1.74 -2.34 10.57
C CYS D 178 1.46 -3.06 9.26
N GLY D 179 0.64 -2.47 8.41
CA GLY D 179 0.32 -3.08 7.14
C GLY D 179 -0.29 -4.46 7.27
N SER D 180 -0.18 -5.24 6.20
CA SER D 180 -0.72 -6.60 6.17
C SER D 180 -0.19 -7.45 7.33
N PHE D 181 1.02 -7.15 7.79
CA PHE D 181 1.59 -7.91 8.91
C PHE D 181 0.70 -7.79 10.16
N ARG D 182 0.33 -6.57 10.49
CA ARG D 182 -0.51 -6.34 11.66
C ARG D 182 -1.91 -6.93 11.46
N ARG D 183 -2.34 -7.03 10.20
CA ARG D 183 -3.60 -7.69 9.87
C ARG D 183 -3.52 -9.22 9.92
N GLY D 184 -2.36 -9.76 10.30
CA GLY D 184 -2.23 -11.20 10.49
C GLY D 184 -1.92 -12.00 9.24
N ALA D 185 -1.55 -11.34 8.16
CA ALA D 185 -1.32 -12.02 6.89
C ALA D 185 -0.15 -13.01 6.97
N GLU D 186 -0.28 -14.14 6.29
CA GLU D 186 0.78 -15.14 6.28
C GLU D 186 1.93 -14.76 5.37
N SER D 187 1.70 -13.79 4.49
CA SER D 187 2.78 -13.17 3.73
C SER D 187 2.50 -11.70 3.45
N SER D 188 3.56 -10.89 3.37
CA SER D 188 3.42 -9.46 3.15
C SER D 188 4.14 -8.99 1.90
N GLY D 189 3.64 -7.93 1.30
CA GLY D 189 4.28 -7.33 0.14
C GLY D 189 5.53 -6.57 0.54
N ASP D 190 5.49 -5.93 1.71
CA ASP D 190 6.63 -5.18 2.23
C ASP D 190 6.55 -5.00 3.75
N MET D 191 7.50 -4.28 4.33
CA MET D 191 7.45 -3.99 5.75
C MET D 191 7.10 -2.54 6.03
N ASP D 192 6.08 -2.33 6.85
CA ASP D 192 5.64 -1.00 7.22
C ASP D 192 5.86 -0.76 8.71
N VAL D 193 6.63 0.26 9.04
CA VAL D 193 6.96 0.52 10.43
C VAL D 193 6.48 1.89 10.88
N LEU D 194 5.60 1.90 11.87
N LEU D 194 5.63 1.92 11.90
CA LEU D 194 5.18 3.14 12.49
CA LEU D 194 5.18 3.18 12.45
C LEU D 194 6.21 3.44 13.57
C LEU D 194 6.01 3.51 13.69
N LEU D 195 6.64 4.69 13.66
CA LEU D 195 7.59 5.07 14.70
C LEU D 195 7.07 6.22 15.55
N THR D 196 7.28 6.15 16.85
CA THR D 196 6.98 7.28 17.71
C THR D 196 8.11 7.53 18.70
N HIS D 197 8.19 8.78 19.16
CA HIS D 197 9.13 9.17 20.20
C HIS D 197 8.48 10.30 20.98
N PRO D 198 8.60 10.28 22.31
CA PRO D 198 7.93 11.30 23.11
C PRO D 198 8.36 12.75 22.82
N SER D 199 9.52 12.93 22.19
CA SER D 199 9.99 14.28 21.83
C SER D 199 9.25 14.87 20.63
N PHE D 200 8.41 14.07 19.99
CA PHE D 200 7.71 14.53 18.80
C PHE D 200 6.22 14.31 18.97
N THR D 201 5.51 15.40 19.25
CA THR D 201 4.07 15.37 19.42
C THR D 201 3.46 16.47 18.54
N SER D 202 2.14 16.55 18.53
CA SER D 202 1.44 17.58 17.78
C SER D 202 1.76 18.96 18.33
N GLU D 203 2.31 19.00 19.54
CA GLU D 203 2.57 20.27 20.22
C GLU D 203 3.95 20.83 19.92
N SER D 204 4.91 19.95 19.69
CA SER D 204 6.27 20.41 19.46
C SER D 204 7.20 19.28 19.03
N THR D 205 8.32 19.67 18.43
CA THR D 205 9.40 18.73 18.14
C THR D 205 10.58 19.14 18.99
N LYS D 206 10.82 18.39 20.07
CA LYS D 206 11.83 18.77 21.06
C LYS D 206 13.23 18.36 20.65
N GLN D 207 13.33 17.57 19.57
CA GLN D 207 14.62 17.27 18.97
C GLN D 207 14.49 16.82 17.51
N PRO D 208 15.45 17.23 16.67
CA PRO D 208 15.45 16.95 15.24
C PRO D 208 16.10 15.60 14.92
N LYS D 209 16.05 15.21 13.64
CA LYS D 209 16.70 13.99 13.17
C LYS D 209 16.17 12.72 13.85
N LEU D 210 14.99 12.81 14.45
CA LEU D 210 14.38 11.63 15.08
C LEU D 210 14.28 10.44 14.14
N LEU D 211 13.84 10.68 12.90
CA LEU D 211 13.75 9.62 11.89
C LEU D 211 15.14 9.28 11.37
N HIS D 212 15.95 10.30 11.12
CA HIS D 212 17.29 10.11 10.58
C HIS D 212 18.12 9.18 11.47
N GLN D 213 18.13 9.44 12.76
CA GLN D 213 18.89 8.62 13.71
C GLN D 213 18.57 7.15 13.53
N VAL D 214 17.28 6.84 13.40
CA VAL D 214 16.83 5.46 13.23
C VAL D 214 17.27 4.90 11.88
N VAL D 215 17.10 5.68 10.82
CA VAL D 215 17.52 5.23 9.50
C VAL D 215 19.01 4.93 9.48
N GLU D 216 19.82 5.83 10.05
CA GLU D 216 21.28 5.68 10.10
C GLU D 216 21.71 4.40 10.82
N GLN D 217 21.08 4.13 11.97
CA GLN D 217 21.37 2.93 12.73
C GLN D 217 21.09 1.67 11.91
N LEU D 218 19.97 1.66 11.20
CA LEU D 218 19.59 0.50 10.40
C LEU D 218 20.51 0.34 9.20
N GLN D 219 21.07 1.44 8.71
CA GLN D 219 22.06 1.37 7.64
C GLN D 219 23.37 0.82 8.19
N LYS D 220 23.74 1.30 9.38
CA LYS D 220 24.96 0.89 10.05
C LYS D 220 25.07 -0.62 10.18
N VAL D 221 23.98 -1.28 10.54
CA VAL D 221 23.97 -2.73 10.69
C VAL D 221 23.62 -3.44 9.38
N HIS D 222 23.65 -2.69 8.28
CA HIS D 222 23.43 -3.24 6.95
C HIS D 222 22.05 -3.88 6.78
N PHE D 223 21.07 -3.37 7.52
CA PHE D 223 19.70 -3.81 7.31
C PHE D 223 19.07 -2.98 6.19
N ILE D 224 19.09 -1.66 6.33
CA ILE D 224 18.68 -0.80 5.23
C ILE D 224 19.82 -0.72 4.23
N THR D 225 19.52 -1.00 2.96
CA THR D 225 20.53 -1.09 1.90
C THR D 225 20.45 0.04 0.88
N ASP D 226 19.26 0.60 0.69
CA ASP D 226 19.04 1.67 -0.29
C ASP D 226 17.92 2.58 0.18
N THR D 227 17.90 3.80 -0.35
CA THR D 227 16.86 4.79 -0.01
C THR D 227 16.14 5.27 -1.26
N LEU D 228 14.82 5.11 -1.29
CA LEU D 228 14.03 5.59 -2.43
C LEU D 228 13.69 7.06 -2.23
N SER D 229 13.23 7.41 -1.04
CA SER D 229 12.99 8.79 -0.67
C SER D 229 13.03 8.93 0.84
N LYS D 230 13.31 10.12 1.32
CA LYS D 230 13.51 10.31 2.75
C LYS D 230 13.25 11.75 3.13
N GLY D 231 12.36 11.95 4.09
CA GLY D 231 12.10 13.27 4.65
C GLY D 231 12.12 13.25 6.17
N GLU D 232 11.59 14.30 6.78
N GLU D 232 11.60 14.31 6.78
CA GLU D 232 11.60 14.43 8.24
CA GLU D 232 11.60 14.43 8.24
C GLU D 232 10.68 13.42 8.93
C GLU D 232 10.69 13.41 8.92
N THR D 233 9.66 12.95 8.22
CA THR D 233 8.72 12.01 8.83
C THR D 233 8.41 10.73 8.03
N LYS D 234 8.90 10.64 6.80
CA LYS D 234 8.67 9.43 6.01
C LYS D 234 9.91 8.94 5.31
N PHE D 235 10.25 7.69 5.54
CA PHE D 235 11.35 7.05 4.83
C PHE D 235 10.79 5.95 3.94
N MET D 236 11.30 5.88 2.72
N MET D 236 11.27 5.92 2.70
CA MET D 236 10.90 4.83 1.79
CA MET D 236 10.91 4.83 1.78
C MET D 236 12.15 4.23 1.17
C MET D 236 12.21 4.26 1.25
N GLY D 237 12.42 2.96 1.47
CA GLY D 237 13.67 2.35 1.07
C GLY D 237 13.67 0.85 0.93
N VAL D 238 14.86 0.28 1.05
CA VAL D 238 15.11 -1.12 0.79
C VAL D 238 15.88 -1.71 1.97
N CYS D 239 15.58 -2.96 2.29
CA CYS D 239 16.27 -3.65 3.38
C CYS D 239 16.47 -5.12 3.06
N GLN D 240 17.25 -5.82 3.88
CA GLN D 240 17.59 -7.20 3.61
C GLN D 240 17.96 -7.91 4.90
N LEU D 241 17.37 -9.07 5.12
CA LEU D 241 17.78 -9.92 6.23
C LEU D 241 19.21 -10.42 6.04
N PRO D 242 19.97 -10.57 7.13
CA PRO D 242 21.28 -11.21 6.98
C PRO D 242 21.12 -12.71 6.76
N SER D 243 22.00 -13.30 5.99
CA SER D 243 21.98 -14.74 5.77
C SER D 243 23.20 -15.39 6.41
N LYS D 244 23.13 -16.70 6.62
CA LYS D 244 24.21 -17.42 7.29
C LYS D 244 25.31 -17.86 6.33
N ASN D 245 26.36 -18.45 6.87
CA ASN D 245 27.48 -18.90 6.04
C ASN D 245 27.06 -19.88 4.95
N ASP D 246 27.52 -19.63 3.74
CA ASP D 246 27.26 -20.50 2.59
C ASP D 246 25.81 -20.48 2.12
N GLU D 247 24.99 -19.66 2.76
CA GLU D 247 23.58 -19.57 2.39
C GLU D 247 23.35 -18.54 1.31
N LYS D 248 22.42 -18.82 0.39
CA LYS D 248 22.00 -17.83 -0.58
C LYS D 248 21.41 -16.62 0.14
N GLU D 249 21.61 -15.42 -0.40
CA GLU D 249 21.08 -14.22 0.24
C GLU D 249 19.56 -14.18 0.14
N TYR D 250 18.95 -13.54 1.13
CA TYR D 250 17.52 -13.23 1.08
C TYR D 250 17.29 -12.19 -0.01
N PRO D 251 16.07 -12.14 -0.54
CA PRO D 251 15.74 -11.09 -1.52
C PRO D 251 15.74 -9.73 -0.84
N HIS D 252 16.05 -8.67 -1.57
CA HIS D 252 15.89 -7.34 -0.98
C HIS D 252 14.39 -7.04 -0.85
N ARG D 253 14.03 -6.27 0.18
CA ARG D 253 12.63 -5.98 0.50
C ARG D 253 12.35 -4.49 0.60
N ARG D 254 11.13 -4.10 0.29
CA ARG D 254 10.73 -2.71 0.44
C ARG D 254 10.44 -2.45 1.90
N ILE D 255 10.90 -1.30 2.40
CA ILE D 255 10.56 -0.88 3.74
C ILE D 255 10.11 0.58 3.75
N ASP D 256 9.00 0.84 4.44
CA ASP D 256 8.51 2.19 4.65
C ASP D 256 8.52 2.45 6.15
N ILE D 257 9.02 3.62 6.56
CA ILE D 257 9.01 4.00 7.96
C ILE D 257 8.33 5.35 8.11
N ARG D 258 7.35 5.42 9.01
CA ARG D 258 6.57 6.64 9.19
C ARG D 258 6.66 7.09 10.64
N LEU D 259 7.21 8.28 10.86
CA LEU D 259 7.28 8.88 12.19
C LEU D 259 6.05 9.74 12.42
N ILE D 260 5.26 9.39 13.44
CA ILE D 260 4.00 10.07 13.70
C ILE D 260 4.00 10.71 15.10
N PRO D 261 3.44 11.91 15.23
CA PRO D 261 3.40 12.54 16.54
C PRO D 261 2.85 11.54 17.56
N LYS D 262 3.52 11.41 18.70
CA LYS D 262 3.17 10.35 19.64
C LYS D 262 1.71 10.42 20.12
N ASP D 263 1.19 11.63 20.30
CA ASP D 263 -0.19 11.77 20.78
C ASP D 263 -1.21 11.45 19.68
N GLN D 264 -0.73 11.18 18.47
CA GLN D 264 -1.60 10.84 17.35
C GLN D 264 -1.37 9.41 16.88
N TYR D 265 -0.89 8.57 17.79
CA TYR D 265 -0.56 7.19 17.49
C TYR D 265 -1.73 6.39 16.91
N TYR D 266 -2.92 6.51 17.51
CA TYR D 266 -4.04 5.68 17.10
C TYR D 266 -4.56 5.99 15.70
N CYS D 267 -4.65 7.26 15.34
CA CYS D 267 -4.99 7.60 13.96
C CYS D 267 -3.89 7.10 13.02
N GLY D 268 -2.64 7.21 13.46
CA GLY D 268 -1.51 6.75 12.67
C GLY D 268 -1.54 5.26 12.42
N VAL D 269 -1.78 4.48 13.48
CA VAL D 269 -1.74 3.04 13.36
C VAL D 269 -2.96 2.54 12.58
N LEU D 270 -4.10 3.22 12.74
CA LEU D 270 -5.27 2.91 11.93
C LEU D 270 -4.92 3.06 10.45
N TYR D 271 -4.35 4.20 10.10
CA TYR D 271 -3.95 4.45 8.70
C TYR D 271 -2.97 3.39 8.18
N PHE D 272 -1.87 3.18 8.90
CA PHE D 272 -0.79 2.33 8.41
C PHE D 272 -1.16 0.85 8.42
N THR D 273 -2.20 0.50 9.15
CA THR D 273 -2.66 -0.89 9.18
C THR D 273 -3.50 -1.27 7.95
N GLY D 274 -4.27 -0.31 7.43
CA GLY D 274 -5.03 -0.54 6.21
C GLY D 274 -6.09 -1.59 6.39
N SER D 275 -6.48 -2.30 5.32
CA SER D 275 -5.87 -2.17 3.99
C SER D 275 -6.11 -0.81 3.34
N ASP D 276 -5.60 -0.63 2.13
CA ASP D 276 -5.85 0.62 1.41
C ASP D 276 -7.34 0.79 1.09
N ILE D 277 -7.98 -0.27 0.62
CA ILE D 277 -9.41 -0.19 0.33
C ILE D 277 -10.21 0.02 1.61
N PHE D 278 -9.81 -0.65 2.70
CA PHE D 278 -10.49 -0.44 3.97
C PHE D 278 -10.42 1.03 4.37
N ASN D 279 -9.24 1.62 4.26
CA ASN D 279 -9.08 3.03 4.60
C ASN D 279 -9.97 3.95 3.75
N LYS D 280 -10.02 3.71 2.44
CA LYS D 280 -10.86 4.50 1.55
C LYS D 280 -12.33 4.36 1.91
N ASN D 281 -12.75 3.12 2.19
CA ASN D 281 -14.14 2.90 2.60
C ASN D 281 -14.42 3.62 3.91
N MET D 282 -13.50 3.51 4.85
CA MET D 282 -13.72 4.11 6.17
C MET D 282 -13.72 5.63 6.13
N ARG D 283 -12.78 6.23 5.40
CA ARG D 283 -12.74 7.68 5.29
C ARG D 283 -13.96 8.20 4.54
N ALA D 284 -14.39 7.49 3.51
CA ALA D 284 -15.60 7.83 2.77
C ALA D 284 -16.80 7.83 3.71
N HIS D 285 -16.91 6.78 4.52
CA HIS D 285 -18.00 6.67 5.48
C HIS D 285 -17.94 7.80 6.50
N ALA D 286 -16.74 8.12 6.95
CA ALA D 286 -16.54 9.26 7.85
C ALA D 286 -17.17 10.53 7.28
N LEU D 287 -16.87 10.83 6.02
CA LEU D 287 -17.45 12.00 5.35
C LEU D 287 -18.98 11.96 5.39
N GLU D 288 -19.55 10.79 5.07
CA GLU D 288 -21.00 10.63 5.12
C GLU D 288 -21.54 10.91 6.52
N LYS D 289 -20.75 10.59 7.53
CA LYS D 289 -21.17 10.81 8.92
C LYS D 289 -20.81 12.21 9.43
N GLY D 290 -20.17 13.00 8.57
CA GLY D 290 -19.80 14.37 8.94
C GLY D 290 -18.48 14.48 9.69
N PHE D 291 -17.52 13.64 9.32
CA PHE D 291 -16.19 13.69 9.89
C PHE D 291 -15.16 13.54 8.78
N THR D 292 -13.94 13.98 9.04
CA THR D 292 -12.84 13.70 8.13
C THR D 292 -11.72 13.00 8.90
N ILE D 293 -11.21 11.91 8.34
CA ILE D 293 -10.14 11.16 9.00
C ILE D 293 -8.86 11.17 8.17
N ASN D 294 -7.75 11.53 8.82
CA ASN D 294 -6.43 11.30 8.22
C ASN D 294 -5.55 10.53 9.20
N GLU D 295 -4.26 10.39 8.91
CA GLU D 295 -3.40 9.58 9.77
C GLU D 295 -3.05 10.30 11.07
N TYR D 296 -3.54 11.54 11.22
CA TYR D 296 -3.21 12.35 12.38
C TYR D 296 -4.40 12.51 13.31
N THR D 297 -5.58 12.74 12.73
CA THR D 297 -6.75 13.15 13.50
C THR D 297 -8.04 12.69 12.86
N ILE D 298 -9.11 12.71 13.66
CA ILE D 298 -10.46 12.73 13.11
C ILE D 298 -11.08 14.05 13.55
N ARG D 299 -11.62 14.79 12.60
N ARG D 299 -11.64 14.79 12.61
CA ARG D 299 -12.19 16.10 12.90
CA ARG D 299 -12.20 16.09 12.88
C ARG D 299 -13.63 16.13 12.39
C ARG D 299 -13.63 16.14 12.38
N PRO D 300 -14.47 16.95 13.04
CA PRO D 300 -15.85 17.14 12.57
C PRO D 300 -15.86 18.08 11.38
N LEU D 301 -16.81 17.89 10.47
CA LEU D 301 -17.01 18.84 9.38
C LEU D 301 -18.08 19.87 9.75
N GLY D 302 -17.72 21.14 9.71
CA GLY D 302 -18.65 22.22 10.01
C GLY D 302 -19.76 22.34 8.98
N THR D 304 -20.28 24.71 6.82
CA THR D 304 -19.61 25.16 5.61
C THR D 304 -18.89 23.99 4.93
N GLY D 305 -18.59 22.95 5.70
CA GLY D 305 -17.85 21.82 5.20
C GLY D 305 -16.36 21.92 5.49
N VAL D 306 -16.02 22.69 6.53
CA VAL D 306 -14.64 22.90 6.92
C VAL D 306 -14.31 22.08 8.16
N ALA D 307 -13.15 21.41 8.15
CA ALA D 307 -12.74 20.61 9.28
C ALA D 307 -12.62 21.45 10.54
N GLY D 308 -13.25 20.98 11.62
CA GLY D 308 -13.10 21.62 12.91
C GLY D 308 -11.88 21.08 13.63
N GLU D 309 -11.83 21.26 14.94
CA GLU D 309 -10.67 20.83 15.73
C GLU D 309 -10.64 19.33 15.92
N PRO D 310 -9.44 18.77 16.09
CA PRO D 310 -9.26 17.34 16.34
C PRO D 310 -10.09 16.85 17.52
N LEU D 311 -10.81 15.76 17.33
CA LEU D 311 -11.57 15.13 18.41
C LEU D 311 -10.64 14.26 19.25
N PRO D 312 -10.96 14.12 20.54
CA PRO D 312 -10.11 13.30 21.42
C PRO D 312 -10.17 11.81 21.05
N VAL D 313 -9.01 11.17 20.99
CA VAL D 313 -8.91 9.78 20.61
C VAL D 313 -7.96 9.04 21.54
N ASP D 314 -8.44 7.97 22.16
CA ASP D 314 -7.63 7.22 23.12
C ASP D 314 -7.43 5.77 22.70
N SER D 315 -7.90 5.43 21.51
CA SER D 315 -7.81 4.06 21.01
C SER D 315 -8.28 4.03 19.58
N GLU D 316 -7.98 2.95 18.87
CA GLU D 316 -8.50 2.80 17.51
C GLU D 316 -10.02 2.79 17.56
N LYS D 317 -10.57 2.13 18.56
CA LYS D 317 -12.01 1.98 18.67
C LYS D 317 -12.75 3.31 18.80
N ASP D 318 -12.13 4.30 19.44
CA ASP D 318 -12.73 5.62 19.54
C ASP D 318 -13.04 6.18 18.16
N ILE D 319 -12.15 5.94 17.20
CA ILE D 319 -12.35 6.43 15.84
C ILE D 319 -13.55 5.75 15.18
N PHE D 320 -13.62 4.43 15.31
CA PHE D 320 -14.79 3.67 14.85
C PHE D 320 -16.08 4.18 15.51
N ASP D 321 -16.01 4.45 16.81
CA ASP D 321 -17.17 4.93 17.56
C ASP D 321 -17.74 6.23 17.00
N TYR D 322 -16.85 7.19 16.70
CA TYR D 322 -17.28 8.47 16.16
C TYR D 322 -18.12 8.32 14.90
N ILE D 323 -17.75 7.39 14.03
CA ILE D 323 -18.44 7.24 12.76
C ILE D 323 -19.50 6.14 12.83
N GLN D 324 -19.75 5.64 14.03
CA GLN D 324 -20.82 4.66 14.26
C GLN D 324 -20.64 3.35 13.49
N TRP D 325 -19.40 2.88 13.47
CA TRP D 325 -19.06 1.56 12.98
C TRP D 325 -18.71 0.69 14.18
N LYS D 326 -19.14 -0.55 14.18
CA LYS D 326 -18.65 -1.49 15.19
C LYS D 326 -17.16 -1.73 14.94
N TYR D 327 -16.41 -1.88 16.01
CA TYR D 327 -14.95 -2.04 15.90
C TYR D 327 -14.61 -3.26 15.07
N ARG D 328 -13.62 -3.15 14.20
CA ARG D 328 -13.13 -4.31 13.48
C ARG D 328 -11.65 -4.49 13.77
N GLU D 329 -11.30 -5.71 14.21
CA GLU D 329 -9.90 -6.03 14.48
C GLU D 329 -9.10 -5.92 13.18
N PRO D 330 -7.78 -5.68 13.31
CA PRO D 330 -6.94 -5.58 12.12
C PRO D 330 -7.19 -6.72 11.14
N LYS D 331 -7.31 -7.95 11.63
CA LYS D 331 -7.44 -9.11 10.77
C LYS D 331 -8.73 -9.10 9.95
N ASP D 332 -9.68 -8.25 10.34
CA ASP D 332 -10.92 -8.12 9.58
C ASP D 332 -10.95 -6.84 8.75
N ARG D 333 -9.79 -6.26 8.48
CA ARG D 333 -9.70 -5.03 7.69
C ARG D 333 -9.00 -5.28 6.36
N SER D 334 -8.83 -6.55 6.02
CA SER D 334 -8.15 -6.92 4.78
C SER D 334 -9.09 -6.86 3.60
N GLU D 335 -9.44 -5.64 3.18
CA GLU D 335 -10.37 -5.48 2.06
C GLU D 335 -9.65 -5.17 0.74
MG MG E . 4.63 -0.33 2.41
MG MG F . 2.87 -3.37 3.38
PG 8DG G . 1.18 -5.24 1.24
O1G 8DG G . 1.12 -6.66 1.82
O2G 8DG G . 1.18 -5.29 -0.29
O3G 8DG G . 2.50 -4.50 1.77
O3B 8DG G . -0.09 -4.41 1.75
PB 8DG G . -0.26 -3.28 2.86
O1B 8DG G . -1.64 -3.39 3.55
O2B 8DG G . 0.86 -3.34 3.83
O3A 8DG G . -0.12 -1.98 2.01
PA 8DG G . 1.18 -1.06 1.69
O1A 8DG G . 1.34 -0.83 0.23
O2A 8DG G . 2.49 -1.69 2.36
O5' 8DG G . 0.84 0.30 2.44
C5' 8DG G . 0.55 0.36 3.82
C4' 8DG G . -0.73 1.05 4.17
O4' 8DG G . -0.96 2.27 3.39
C3' 8DG G . -1.98 0.22 3.77
O3' 8DG G . -2.14 -0.95 4.57
C2' 8DG G . -3.06 1.28 4.06
C1' 8DG G . -2.37 2.58 3.58
N9 8DG G . -2.90 3.16 2.34
C8 8DG G . -4.00 4.00 2.25
N7 8DG G . -4.23 4.29 0.94
C5 8DG G . -3.31 3.62 0.22
C6 8DG G . -3.10 3.56 -1.17
O6 8DG G . -3.76 4.14 -2.01
N1 8DG G . -2.05 2.76 -1.58
C2 8DG G . -1.27 2.09 -0.67
N2 8DG G . -0.25 1.31 -1.17
N3 8DG G . -1.46 2.13 0.64
C4 8DG G . -2.49 2.91 1.05
O8 8DG G . -4.60 4.41 3.24
O11 PPV H . 2.10 -5.23 1.62
P1 PPV H . 0.83 -6.02 1.39
O21 PPV H . 0.60 -6.25 -0.07
O31 PPV H . 0.93 -7.35 2.09
OPP PPV H . -0.37 -5.18 2.00
P2 PPV H . -0.29 -3.77 2.76
O12 PPV H . 0.22 -2.75 1.79
O22 PPV H . -1.68 -3.37 3.25
O32 PPV H . 0.68 -3.92 3.92
#